data_5YEH
#
_entry.id   5YEH
#
_cell.length_a   45.845
_cell.length_b   54.876
_cell.length_c   66.938
_cell.angle_alpha   81.17
_cell.angle_beta   80.11
_cell.angle_gamma   79.72
#
_symmetry.space_group_name_H-M   'P 1'
#
loop_
_entity.id
_entity.type
_entity.pdbx_description
1 polymer 'Transcriptional repressor CTCF'
2 polymer "DNA (5'-D(*AP*CP*GP*GP*TP*TP*TP*CP*CP*GP*CP*TP*AP*GP*AP*GP*GP*GP*CP*G)-3')"
3 polymer "DNA (5'-D(*TP*CP*GP*CP*CP*CP*TP*CP*TP*AP*GP*CP*GP*GP*AP*AP*AP*CP*CP*G)-3')"
4 non-polymer 'ZINC ION'
5 water water
#
loop_
_entity_poly.entity_id
_entity_poly.type
_entity_poly.pdbx_seq_one_letter_code
_entity_poly.pdbx_strand_id
1 'polypeptide(L)'
;KPFKCSMCDYASVEVSKLKRHIRSHTGERPFQCSLCSYASRDTYKLKRHMRTHSGEKPYECYICHARFTQSGTMKMHILQ
KHTENVAKFHCPHCDTVIARKSDLGVHLRKQHSYIEQGKKCRYCDAVFHERYALIQHQKSHK
;
A,B
2 'polydeoxyribonucleotide' (DA)(DC)(DG)(DG)(DT)(DT)(DT)(DC)(DC)(DG)(DC)(DT)(DA)(DG)(DA)(DG)(DG)(DG)(DC)(DG) C,E
3 'polydeoxyribonucleotide' (DT)(DC)(DG)(DC)(DC)(DC)(DT)(DC)(DT)(DA)(DG)(DC)(DG)(DG)(DA)(DA)(DA)(DC)(DC)(DG) D,F
#
# COMPACT_ATOMS: atom_id res chain seq x y z
N LYS A 1 22.25 -6.91 9.03
CA LYS A 1 22.90 -7.62 7.97
C LYS A 1 23.58 -6.63 7.06
N PRO A 2 24.80 -6.22 7.41
CA PRO A 2 25.51 -6.51 8.67
C PRO A 2 25.07 -5.67 9.83
N PHE A 3 24.66 -4.43 9.55
CA PHE A 3 24.39 -3.44 10.56
C PHE A 3 22.88 -3.26 10.69
N LYS A 4 22.27 -3.85 11.71
CA LYS A 4 20.85 -3.62 11.95
C LYS A 4 20.66 -2.37 12.80
N CYS A 5 19.57 -1.66 12.53
CA CYS A 5 19.26 -0.62 13.49
C CYS A 5 18.62 -1.30 14.70
N SER A 6 18.41 -0.54 15.76
CA SER A 6 17.97 -1.14 17.02
C SER A 6 16.60 -0.65 17.43
N MET A 7 16.19 0.53 16.95
CA MET A 7 14.90 1.07 17.32
C MET A 7 13.92 0.54 16.28
N CYS A 8 13.95 1.14 15.10
CA CYS A 8 13.24 0.66 13.93
C CYS A 8 14.00 -0.51 13.30
N ASP A 9 13.47 -1.01 12.18
CA ASP A 9 13.90 -2.27 11.57
C ASP A 9 14.83 -2.06 10.39
N TYR A 10 15.58 -0.96 10.36
CA TYR A 10 16.45 -0.70 9.22
C TYR A 10 17.78 -1.43 9.37
N ALA A 11 18.30 -1.89 8.24
CA ALA A 11 19.63 -2.50 8.19
C ALA A 11 20.17 -2.31 6.79
N SER A 12 21.49 -2.13 6.70
CA SER A 12 22.14 -1.80 5.45
C SER A 12 23.62 -2.13 5.53
N VAL A 13 24.26 -2.14 4.36
CA VAL A 13 25.54 -2.84 4.22
C VAL A 13 26.66 -2.00 4.80
N GLU A 14 26.50 -0.68 4.77
CA GLU A 14 27.58 0.22 5.16
C GLU A 14 27.37 0.83 6.54
N VAL A 15 28.46 0.97 7.28
CA VAL A 15 28.41 1.62 8.60
C VAL A 15 27.97 3.07 8.45
N SER A 16 28.41 3.75 7.38
CA SER A 16 28.01 5.13 7.21
C SER A 16 26.52 5.24 6.93
N LYS A 17 25.95 4.24 6.25
CA LYS A 17 24.52 4.24 5.98
C LYS A 17 23.71 4.07 7.26
N LEU A 18 24.16 3.19 8.17
CA LEU A 18 23.42 2.99 9.40
C LEU A 18 23.60 4.18 10.34
N LYS A 19 24.80 4.77 10.36
CA LYS A 19 25.01 5.94 11.20
C LYS A 19 24.22 7.14 10.72
N ARG A 20 24.10 7.31 9.40
CA ARG A 20 23.25 8.38 8.84
C ARG A 20 21.79 8.13 9.17
N HIS A 21 21.37 6.86 9.13
CA HIS A 21 20.00 6.52 9.48
C HIS A 21 19.74 6.83 10.95
N ILE A 22 20.73 6.60 11.80
CA ILE A 22 20.57 6.88 13.21
C ILE A 22 20.50 8.37 13.41
N ARG A 23 21.23 9.13 12.59
CA ARG A 23 21.04 10.58 12.66
C ARG A 23 19.61 10.94 12.32
N SER A 24 18.95 10.14 11.48
CA SER A 24 17.53 10.43 11.26
C SER A 24 16.70 10.11 12.50
N HIS A 25 17.09 9.10 13.28
CA HIS A 25 16.35 8.83 14.51
C HIS A 25 16.60 9.88 15.60
N THR A 26 17.86 10.23 15.84
CA THR A 26 18.20 11.18 16.88
C THR A 26 17.75 12.58 16.53
N GLY A 27 18.02 13.01 15.30
CA GLY A 27 17.79 14.38 14.92
C GLY A 27 19.03 15.23 14.79
N GLU A 28 20.21 14.60 14.80
CA GLU A 28 21.46 15.33 14.63
C GLU A 28 21.53 15.88 13.21
N ARG A 29 21.82 17.18 13.10
CA ARG A 29 22.06 17.85 11.82
C ARG A 29 23.46 18.43 11.88
N PRO A 30 24.47 17.66 11.46
CA PRO A 30 25.85 18.11 11.66
C PRO A 30 26.29 19.23 10.74
N PHE A 31 25.80 19.28 9.50
CA PHE A 31 26.36 20.18 8.49
C PHE A 31 25.54 21.46 8.46
N GLN A 32 26.15 22.54 8.93
CA GLN A 32 25.47 23.81 9.05
C GLN A 32 25.77 24.67 7.85
N CYS A 33 24.72 25.31 7.33
CA CYS A 33 24.89 26.30 6.28
C CYS A 33 25.63 27.48 6.88
N SER A 34 26.60 28.01 6.13
CA SER A 34 27.38 29.15 6.58
C SER A 34 26.69 30.47 6.26
N LEU A 35 25.40 30.44 5.92
CA LEU A 35 24.70 31.63 5.46
C LEU A 35 23.41 31.88 6.23
N CYS A 36 22.81 30.82 6.75
CA CYS A 36 21.55 30.91 7.47
C CYS A 36 21.53 29.82 8.54
N SER A 37 20.40 29.72 9.22
CA SER A 37 20.24 28.76 10.32
C SER A 37 19.75 27.38 9.87
N TYR A 38 19.96 26.99 8.62
CA TYR A 38 19.65 25.63 8.17
C TYR A 38 20.84 24.71 8.49
N ALA A 39 20.56 23.43 8.76
CA ALA A 39 21.58 22.44 9.05
C ALA A 39 21.06 21.07 8.62
N SER A 40 21.91 20.32 7.95
CA SER A 40 21.48 19.08 7.32
C SER A 40 22.07 17.89 8.04
N ARG A 41 21.44 16.72 7.85
CA ARG A 41 21.98 15.49 8.42
C ARG A 41 23.01 14.81 7.52
N ASP A 42 23.14 15.24 6.26
CA ASP A 42 24.20 14.74 5.39
C ASP A 42 24.66 15.85 4.46
N THR A 43 25.74 15.59 3.73
CA THR A 43 26.36 16.64 2.95
C THR A 43 25.50 17.02 1.74
N TYR A 44 24.84 16.03 1.14
CA TYR A 44 24.12 16.29 -0.10
C TYR A 44 23.01 17.32 0.10
N LYS A 45 22.19 17.14 1.14
CA LYS A 45 21.07 18.05 1.31
C LYS A 45 21.53 19.46 1.63
N LEU A 46 22.73 19.63 2.20
CA LEU A 46 23.27 20.98 2.34
C LEU A 46 23.74 21.55 1.00
N LYS A 47 24.49 20.78 0.22
CA LYS A 47 24.89 21.28 -1.10
C LYS A 47 23.67 21.71 -1.90
N ARG A 48 22.63 20.88 -1.91
CA ARG A 48 21.40 21.21 -2.62
C ARG A 48 20.71 22.42 -1.98
N HIS A 49 20.80 22.57 -0.65
CA HIS A 49 20.18 23.76 -0.06
C HIS A 49 20.92 25.02 -0.49
N MET A 50 22.21 24.93 -0.83
CA MET A 50 22.92 26.13 -1.25
C MET A 50 22.39 26.69 -2.58
N ARG A 51 21.75 25.87 -3.41
CA ARG A 51 21.20 26.41 -4.66
C ARG A 51 20.14 27.47 -4.39
N THR A 52 19.40 27.35 -3.27
CA THR A 52 18.39 28.36 -2.95
C THR A 52 19.04 29.72 -2.72
N HIS A 53 20.18 29.73 -2.03
CA HIS A 53 20.90 30.98 -1.80
C HIS A 53 21.49 31.53 -3.11
N SER A 54 22.12 30.67 -3.90
CA SER A 54 22.67 31.18 -5.16
C SER A 54 21.57 31.49 -6.16
N GLY A 55 20.41 30.86 -6.00
CA GLY A 55 19.33 31.03 -6.93
C GLY A 55 19.57 30.40 -8.29
N GLU A 56 20.32 29.31 -8.35
CA GLU A 56 20.53 28.67 -9.64
C GLU A 56 19.44 27.68 -9.98
N LYS A 57 19.13 27.62 -11.28
CA LYS A 57 18.16 26.68 -11.83
C LYS A 57 18.91 25.78 -12.82
N PRO A 58 19.54 24.73 -12.33
CA PRO A 58 20.45 23.93 -13.17
C PRO A 58 19.76 22.94 -14.07
N TYR A 59 18.43 22.88 -14.10
CA TYR A 59 17.72 21.94 -14.94
C TYR A 59 16.76 22.68 -15.86
N GLU A 60 16.71 22.23 -17.10
CA GLU A 60 15.92 22.87 -18.15
C GLU A 60 15.18 21.81 -18.93
N CYS A 61 13.88 22.04 -19.11
CA CYS A 61 13.06 21.15 -19.90
C CYS A 61 13.51 21.19 -21.37
N TYR A 62 13.89 20.02 -21.92
CA TYR A 62 14.41 19.99 -23.29
C TYR A 62 13.33 20.24 -24.33
N ILE A 63 12.08 20.45 -23.93
CA ILE A 63 10.96 20.65 -24.86
C ILE A 63 10.52 22.11 -24.88
N CYS A 64 10.31 22.72 -23.71
CA CYS A 64 9.84 24.10 -23.63
C CYS A 64 10.81 25.04 -22.92
N HIS A 65 11.97 24.53 -22.51
CA HIS A 65 13.07 25.32 -21.94
C HIS A 65 12.69 26.03 -20.62
N ALA A 66 11.60 25.66 -19.96
CA ALA A 66 11.39 26.19 -18.61
C ALA A 66 12.50 25.66 -17.70
N ARG A 67 12.86 26.45 -16.70
CA ARG A 67 13.94 26.02 -15.83
C ARG A 67 13.44 25.66 -14.42
N PHE A 68 14.26 24.87 -13.73
CA PHE A 68 13.88 24.24 -12.49
C PHE A 68 15.11 24.13 -11.59
N THR A 69 14.85 24.17 -10.28
CA THR A 69 15.88 24.06 -9.28
C THR A 69 16.33 22.62 -9.07
N GLN A 70 15.41 21.67 -9.18
CA GLN A 70 15.74 20.26 -8.98
C GLN A 70 15.25 19.44 -10.15
N SER A 71 15.91 18.29 -10.32
CA SER A 71 15.60 17.40 -11.44
C SER A 71 14.24 16.77 -11.30
N GLY A 72 13.87 16.36 -10.07
CA GLY A 72 12.57 15.74 -9.89
C GLY A 72 11.44 16.65 -10.30
N THR A 73 11.54 17.94 -9.96
CA THR A 73 10.53 18.90 -10.42
C THR A 73 10.46 18.95 -11.96
N MET A 74 11.62 18.89 -12.62
CA MET A 74 11.63 18.96 -14.09
C MET A 74 10.97 17.75 -14.70
N LYS A 75 11.33 16.56 -14.20
CA LYS A 75 10.73 15.30 -14.63
C LYS A 75 9.22 15.33 -14.50
N MET A 76 8.74 15.84 -13.37
CA MET A 76 7.29 15.87 -13.13
C MET A 76 6.60 16.85 -14.07
N HIS A 77 7.22 18.01 -14.28
CA HIS A 77 6.69 18.95 -15.24
C HIS A 77 6.59 18.33 -16.63
N ILE A 78 7.62 17.60 -17.07
CA ILE A 78 7.58 16.90 -18.36
C ILE A 78 6.41 15.94 -18.40
N LEU A 79 6.21 15.21 -17.30
CA LEU A 79 5.13 14.24 -17.19
C LEU A 79 3.75 14.87 -17.31
N GLN A 80 3.53 16.00 -16.63
CA GLN A 80 2.20 16.60 -16.61
C GLN A 80 1.93 17.45 -17.84
N LYS A 81 2.96 17.93 -18.52
CA LYS A 81 2.84 18.92 -19.57
C LYS A 81 3.06 18.37 -20.97
N HIS A 82 3.99 17.43 -21.14
CA HIS A 82 4.41 16.94 -22.44
C HIS A 82 4.17 15.44 -22.60
N THR A 83 3.17 14.92 -21.89
CA THR A 83 2.91 13.49 -21.87
C THR A 83 1.42 13.26 -21.68
N GLU A 84 0.85 12.33 -22.44
CA GLU A 84 -0.55 11.99 -22.30
C GLU A 84 -0.73 10.54 -21.88
N ASN A 85 -1.96 10.22 -21.44
CA ASN A 85 -2.35 8.89 -20.97
C ASN A 85 -1.68 8.53 -19.65
N VAL A 86 -1.34 9.53 -18.86
CA VAL A 86 -0.65 9.30 -17.59
C VAL A 86 -1.66 8.91 -16.53
N ALA A 87 -1.32 7.93 -15.71
CA ALA A 87 -2.19 7.55 -14.61
C ALA A 87 -2.45 8.73 -13.67
N LYS A 88 -3.68 8.81 -13.16
CA LYS A 88 -4.13 9.85 -12.24
C LYS A 88 -4.41 9.22 -10.86
N PHE A 89 -4.63 10.06 -9.84
CA PHE A 89 -4.83 9.58 -8.47
C PHE A 89 -6.28 9.68 -8.05
N HIS A 90 -6.91 8.52 -7.88
CA HIS A 90 -8.30 8.47 -7.49
C HIS A 90 -8.35 8.28 -5.98
N CYS A 91 -9.07 9.17 -5.29
CA CYS A 91 -9.17 9.03 -3.84
C CYS A 91 -10.05 7.83 -3.47
N PRO A 92 -9.62 6.99 -2.52
CA PRO A 92 -10.47 5.83 -2.15
C PRO A 92 -11.81 6.22 -1.54
N HIS A 93 -11.86 7.35 -0.85
CA HIS A 93 -13.06 7.72 -0.12
C HIS A 93 -14.04 8.53 -0.95
N CYS A 94 -13.57 9.43 -1.80
CA CYS A 94 -14.52 10.15 -2.64
C CYS A 94 -14.28 9.92 -4.13
N ASP A 95 -14.99 10.69 -4.95
CA ASP A 95 -14.93 10.60 -6.40
C ASP A 95 -13.85 11.49 -7.02
N THR A 96 -13.04 12.12 -6.19
CA THR A 96 -12.07 13.10 -6.66
C THR A 96 -10.92 12.41 -7.39
N VAL A 97 -10.45 13.02 -8.49
CA VAL A 97 -9.28 12.57 -9.24
C VAL A 97 -8.25 13.71 -9.24
N ILE A 98 -7.01 13.40 -8.86
CA ILE A 98 -5.93 14.36 -8.70
C ILE A 98 -4.73 13.97 -9.58
N ALA A 99 -3.97 14.96 -10.05
CA ALA A 99 -2.88 14.63 -10.96
C ALA A 99 -1.61 14.20 -10.23
N ARG A 100 -1.36 14.74 -9.04
CA ARG A 100 -0.10 14.50 -8.33
C ARG A 100 -0.32 13.75 -7.02
N LYS A 101 0.69 12.97 -6.61
CA LYS A 101 0.58 12.08 -5.46
C LYS A 101 0.47 12.87 -4.15
N SER A 102 1.34 13.86 -3.97
CA SER A 102 1.29 14.60 -2.72
C SER A 102 0.03 15.44 -2.61
N ASP A 103 -0.52 15.91 -3.74
CA ASP A 103 -1.80 16.59 -3.69
C ASP A 103 -2.89 15.64 -3.22
N LEU A 104 -2.77 14.35 -3.55
CA LEU A 104 -3.72 13.40 -3.00
C LEU A 104 -3.59 13.31 -1.49
N GLY A 105 -2.35 13.31 -0.98
CA GLY A 105 -2.17 13.39 0.48
C GLY A 105 -2.83 14.62 1.09
N VAL A 106 -2.56 15.79 0.51
CA VAL A 106 -3.21 17.04 0.93
C VAL A 106 -4.72 16.88 0.96
N HIS A 107 -5.27 16.28 -0.08
CA HIS A 107 -6.71 16.03 -0.11
C HIS A 107 -7.16 15.12 1.02
N LEU A 108 -6.39 14.07 1.34
CA LEU A 108 -6.87 13.12 2.35
C LEU A 108 -6.85 13.72 3.74
N ARG A 109 -5.80 14.48 4.11
CA ARG A 109 -5.89 15.13 5.41
C ARG A 109 -6.89 16.27 5.42
N LYS A 110 -7.12 16.91 4.28
CA LYS A 110 -8.01 18.06 4.34
C LYS A 110 -9.47 17.72 4.22
N GLN A 111 -9.83 16.61 3.61
CA GLN A 111 -11.24 16.29 3.48
C GLN A 111 -11.65 15.08 4.28
N HIS A 112 -10.71 14.18 4.61
CA HIS A 112 -11.04 12.94 5.27
C HIS A 112 -10.31 12.70 6.60
N SER A 113 -9.85 13.74 7.28
CA SER A 113 -9.22 13.58 8.58
C SER A 113 -10.07 14.27 9.64
N TYR A 114 -9.92 13.82 10.89
CA TYR A 114 -10.73 14.37 11.97
C TYR A 114 -10.18 15.71 12.42
N ILE A 115 -11.10 16.65 12.67
CA ILE A 115 -10.77 17.95 13.24
C ILE A 115 -11.79 18.18 14.33
N GLU A 116 -11.32 18.43 15.57
CA GLU A 116 -12.29 18.73 16.60
C GLU A 116 -12.86 20.12 16.44
N GLN A 117 -12.18 20.97 15.65
CA GLN A 117 -12.73 22.27 15.31
C GLN A 117 -13.75 22.00 14.21
N GLY A 118 -14.96 21.61 14.64
CA GLY A 118 -15.97 21.17 13.70
C GLY A 118 -16.67 22.32 13.01
N LYS A 119 -17.32 22.01 11.91
CA LYS A 119 -18.06 22.99 11.15
C LYS A 119 -19.55 22.68 11.24
N LYS A 120 -20.36 23.73 11.25
CA LYS A 120 -21.81 23.58 11.28
C LYS A 120 -22.34 23.46 9.86
N CYS A 121 -23.34 22.61 9.70
CA CYS A 121 -24.05 22.52 8.43
C CYS A 121 -24.67 23.87 8.11
N ARG A 122 -24.66 24.24 6.83
CA ARG A 122 -25.12 25.57 6.43
C ARG A 122 -26.63 25.73 6.56
N TYR A 123 -27.36 24.63 6.48
CA TYR A 123 -28.81 24.68 6.37
C TYR A 123 -29.53 24.16 7.61
N CYS A 124 -28.83 23.44 8.49
CA CYS A 124 -29.31 22.88 9.75
C CYS A 124 -28.21 22.98 10.80
N ASP A 125 -28.51 22.59 12.04
CA ASP A 125 -27.64 22.93 13.15
C ASP A 125 -26.75 21.76 13.60
N ALA A 126 -26.70 20.68 12.83
CA ALA A 126 -25.81 19.56 13.10
C ALA A 126 -24.38 19.90 12.70
N VAL A 127 -23.43 19.40 13.48
CA VAL A 127 -22.02 19.73 13.31
C VAL A 127 -21.26 18.45 12.97
N PHE A 128 -20.24 18.60 12.13
CA PHE A 128 -19.41 17.50 11.65
C PHE A 128 -17.95 17.84 11.85
N HIS A 129 -17.14 16.78 12.00
CA HIS A 129 -15.72 16.92 12.24
C HIS A 129 -14.83 16.46 11.09
N GLU A 130 -15.40 16.11 9.95
CA GLU A 130 -14.64 15.83 8.76
C GLU A 130 -15.41 16.45 7.60
N ARG A 131 -14.70 17.16 6.74
CA ARG A 131 -15.34 18.01 5.74
C ARG A 131 -16.19 17.21 4.76
N TYR A 132 -15.70 16.04 4.32
CA TYR A 132 -16.48 15.25 3.36
C TYR A 132 -17.84 14.86 3.92
N ALA A 133 -17.88 14.38 5.16
CA ALA A 133 -19.16 14.05 5.78
C ALA A 133 -20.06 15.27 5.83
N LEU A 134 -19.48 16.44 6.06
CA LEU A 134 -20.26 17.67 6.15
C LEU A 134 -20.90 18.00 4.82
N ILE A 135 -20.10 17.98 3.74
CA ILE A 135 -20.61 18.40 2.44
C ILE A 135 -21.59 17.36 1.88
N GLN A 136 -21.37 16.08 2.18
CA GLN A 136 -22.32 15.05 1.79
C GLN A 136 -23.62 15.17 2.56
N HIS A 137 -23.54 15.42 3.87
CA HIS A 137 -24.75 15.59 4.68
C HIS A 137 -25.56 16.78 4.21
N GLN A 138 -24.89 17.92 3.97
CA GLN A 138 -25.54 19.12 3.44
C GLN A 138 -26.29 18.88 2.13
N LYS A 139 -26.48 17.61 1.74
CA LYS A 139 -27.12 17.17 0.51
C LYS A 139 -27.49 18.27 -0.49
N LYS D 1 -35.09 -16.05 -1.25
CA LYS D 1 -35.53 -15.16 -0.19
C LYS D 1 -34.63 -13.92 -0.10
N PRO D 2 -34.89 -12.92 -0.98
CA PRO D 2 -35.86 -12.87 -2.08
C PRO D 2 -35.41 -13.47 -3.42
N PHE D 3 -34.19 -13.12 -3.87
CA PHE D 3 -33.71 -13.46 -5.21
C PHE D 3 -32.67 -14.58 -5.10
N LYS D 4 -33.06 -15.80 -5.44
CA LYS D 4 -32.16 -16.94 -5.42
C LYS D 4 -31.40 -17.09 -6.74
N CYS D 5 -30.17 -17.61 -6.64
CA CYS D 5 -29.41 -18.05 -7.81
C CYS D 5 -29.90 -19.44 -8.22
N SER D 6 -29.33 -20.03 -9.27
CA SER D 6 -29.91 -21.25 -9.81
C SER D 6 -28.93 -22.39 -9.70
N MET D 7 -27.66 -22.03 -9.81
CA MET D 7 -26.57 -22.98 -9.88
C MET D 7 -26.06 -23.19 -8.45
N CYS D 8 -25.32 -22.23 -7.93
CA CYS D 8 -25.00 -22.29 -6.53
C CYS D 8 -26.17 -21.74 -5.70
N ASP D 9 -25.95 -21.68 -4.38
CA ASP D 9 -26.99 -21.47 -3.39
C ASP D 9 -27.04 -20.04 -2.84
N TYR D 10 -26.66 -19.05 -3.64
CA TYR D 10 -26.63 -17.66 -3.16
C TYR D 10 -28.02 -17.03 -3.25
N ALA D 11 -28.29 -16.12 -2.32
CA ALA D 11 -29.52 -15.33 -2.28
C ALA D 11 -29.19 -14.01 -1.60
N SER D 12 -29.92 -12.97 -1.99
CA SER D 12 -29.69 -11.62 -1.48
C SER D 12 -30.91 -10.78 -1.78
N VAL D 13 -30.96 -9.60 -1.16
CA VAL D 13 -32.16 -8.76 -1.16
C VAL D 13 -32.30 -8.01 -2.47
N GLU D 14 -31.18 -7.68 -3.10
CA GLU D 14 -31.21 -6.73 -4.20
C GLU D 14 -31.04 -7.45 -5.52
N VAL D 15 -31.75 -6.94 -6.53
CA VAL D 15 -31.61 -7.46 -7.89
C VAL D 15 -30.18 -7.24 -8.39
N SER D 16 -29.58 -6.11 -8.02
CA SER D 16 -28.22 -5.82 -8.50
C SER D 16 -27.20 -6.78 -7.91
N LYS D 17 -27.40 -7.21 -6.66
CA LYS D 17 -26.49 -8.19 -6.07
C LYS D 17 -26.60 -9.54 -6.76
N LEU D 18 -27.82 -9.95 -7.12
CA LEU D 18 -27.98 -11.25 -7.77
C LEU D 18 -27.46 -11.19 -9.20
N LYS D 19 -27.67 -10.08 -9.90
CA LYS D 19 -27.16 -9.98 -11.26
C LYS D 19 -25.64 -9.92 -11.27
N ARG D 20 -25.05 -9.22 -10.30
CA ARG D 20 -23.60 -9.16 -10.19
C ARG D 20 -23.01 -10.53 -9.85
N HIS D 21 -23.68 -11.26 -8.97
CA HIS D 21 -23.20 -12.59 -8.64
C HIS D 21 -23.30 -13.51 -9.87
N ILE D 22 -24.35 -13.30 -10.65
CA ILE D 22 -24.50 -14.10 -11.85
C ILE D 22 -23.40 -13.76 -12.83
N ARG D 23 -22.93 -12.50 -12.81
CA ARG D 23 -21.75 -12.16 -13.59
C ARG D 23 -20.54 -12.94 -13.11
N SER D 24 -20.49 -13.27 -11.82
CA SER D 24 -19.39 -14.12 -11.39
C SER D 24 -19.55 -15.53 -11.96
N HIS D 25 -20.79 -16.01 -12.09
CA HIS D 25 -20.97 -17.31 -12.73
C HIS D 25 -20.62 -17.25 -14.21
N THR D 26 -21.05 -16.20 -14.89
CA THR D 26 -20.91 -16.10 -16.34
C THR D 26 -19.47 -15.80 -16.74
N GLY D 27 -18.81 -14.88 -16.06
CA GLY D 27 -17.49 -14.42 -16.43
C GLY D 27 -17.45 -13.04 -17.07
N GLU D 28 -18.55 -12.31 -17.03
CA GLU D 28 -18.62 -10.96 -17.58
C GLU D 28 -17.79 -10.01 -16.72
N ARG D 29 -16.96 -9.22 -17.38
CA ARG D 29 -16.21 -8.14 -16.76
C ARG D 29 -16.54 -6.87 -17.55
N PRO D 30 -17.60 -6.15 -17.16
CA PRO D 30 -18.05 -5.01 -17.98
C PRO D 30 -17.14 -3.81 -17.92
N PHE D 31 -16.48 -3.56 -16.80
CA PHE D 31 -15.81 -2.29 -16.56
C PHE D 31 -14.36 -2.42 -16.98
N GLN D 32 -14.02 -1.74 -18.06
CA GLN D 32 -12.70 -1.90 -18.66
C GLN D 32 -11.77 -0.82 -18.15
N CYS D 33 -10.57 -1.23 -17.74
CA CYS D 33 -9.55 -0.27 -17.38
C CYS D 33 -9.11 0.47 -18.63
N SER D 34 -8.99 1.79 -18.55
CA SER D 34 -8.61 2.59 -19.71
C SER D 34 -7.09 2.69 -19.88
N LEU D 35 -6.33 1.88 -19.14
CA LEU D 35 -4.89 2.02 -19.13
C LEU D 35 -4.26 0.69 -19.48
N CYS D 36 -4.99 -0.39 -19.23
CA CYS D 36 -4.48 -1.72 -19.53
C CYS D 36 -5.65 -2.61 -19.95
N SER D 37 -5.33 -3.86 -20.25
CA SER D 37 -6.36 -4.79 -20.70
C SER D 37 -7.08 -5.51 -19.58
N TYR D 38 -7.08 -4.92 -18.37
CA TYR D 38 -7.86 -5.42 -17.25
C TYR D 38 -9.28 -4.92 -17.34
N ALA D 39 -10.20 -5.75 -16.88
CA ALA D 39 -11.61 -5.41 -16.84
C ALA D 39 -12.21 -6.13 -15.65
N SER D 40 -13.03 -5.43 -14.89
CA SER D 40 -13.54 -5.96 -13.65
C SER D 40 -15.02 -6.27 -13.80
N ARG D 41 -15.53 -7.10 -12.90
CA ARG D 41 -16.95 -7.43 -12.94
C ARG D 41 -17.81 -6.38 -12.23
N ASP D 42 -17.19 -5.45 -11.52
CA ASP D 42 -17.93 -4.38 -10.86
C ASP D 42 -17.07 -3.12 -10.85
N THR D 43 -17.67 -2.00 -10.45
CA THR D 43 -16.96 -0.72 -10.54
C THR D 43 -15.89 -0.57 -9.48
N TYR D 44 -16.16 -1.05 -8.25
CA TYR D 44 -15.21 -0.84 -7.16
C TYR D 44 -13.87 -1.47 -7.44
N LYS D 45 -13.86 -2.72 -7.91
CA LYS D 45 -12.58 -3.36 -8.19
C LYS D 45 -11.83 -2.67 -9.33
N LEU D 46 -12.53 -1.98 -10.23
CA LEU D 46 -11.81 -1.23 -11.26
C LEU D 46 -11.15 0.00 -10.64
N LYS D 47 -11.93 0.75 -9.87
CA LYS D 47 -11.34 1.90 -9.17
C LYS D 47 -10.15 1.49 -8.31
N ARG D 48 -10.27 0.36 -7.62
CA ARG D 48 -9.14 -0.07 -6.79
C ARG D 48 -8.01 -0.57 -7.66
N HIS D 49 -8.31 -1.14 -8.82
CA HIS D 49 -7.21 -1.56 -9.69
C HIS D 49 -6.39 -0.39 -10.22
N MET D 50 -7.00 0.79 -10.42
CA MET D 50 -6.25 1.95 -10.96
C MET D 50 -5.09 2.39 -10.06
N ARG D 51 -5.24 2.13 -8.74
CA ARG D 51 -4.21 2.49 -7.76
C ARG D 51 -2.89 1.83 -8.11
N THR D 52 -2.94 0.65 -8.72
CA THR D 52 -1.75 -0.06 -9.14
C THR D 52 -1.01 0.74 -10.22
N HIS D 53 -1.75 1.40 -11.11
CA HIS D 53 -1.10 2.23 -12.13
C HIS D 53 -0.48 3.47 -11.51
N SER D 54 -1.25 4.16 -10.64
CA SER D 54 -0.72 5.39 -10.05
C SER D 54 0.32 5.14 -8.95
N GLY D 55 0.28 4.02 -8.25
CA GLY D 55 1.29 3.72 -7.26
C GLY D 55 1.24 4.52 -5.98
N GLU D 56 0.05 4.92 -5.53
CA GLU D 56 -0.10 5.62 -4.26
C GLU D 56 -0.35 4.62 -3.12
N LYS D 57 0.06 5.02 -1.92
CA LYS D 57 -0.21 4.26 -0.70
C LYS D 57 -1.04 5.16 0.23
N PRO D 58 -2.36 5.15 0.07
CA PRO D 58 -3.22 6.06 0.83
C PRO D 58 -3.62 5.59 2.22
N TYR D 59 -3.06 4.50 2.75
CA TYR D 59 -3.44 4.09 4.11
C TYR D 59 -2.18 4.10 4.93
N GLU D 60 -2.26 4.73 6.11
CA GLU D 60 -1.09 5.00 6.89
C GLU D 60 -1.35 4.48 8.30
N CYS D 61 -0.43 3.66 8.81
CA CYS D 61 -0.54 3.12 10.17
C CYS D 61 -0.47 4.27 11.16
N TYR D 62 -1.52 4.45 11.95
CA TYR D 62 -1.53 5.60 12.84
C TYR D 62 -0.49 5.49 13.97
N ILE D 63 0.27 4.42 14.07
CA ILE D 63 1.25 4.25 15.14
C ILE D 63 2.68 4.45 14.63
N CYS D 64 3.03 3.76 13.55
CA CYS D 64 4.39 3.82 13.00
C CYS D 64 4.48 4.48 11.63
N HIS D 65 3.35 4.97 11.10
CA HIS D 65 3.26 5.75 9.87
C HIS D 65 3.73 5.00 8.63
N ALA D 66 3.85 3.69 8.71
CA ALA D 66 4.07 2.91 7.50
C ALA D 66 2.84 2.99 6.62
N ARG D 67 3.07 2.99 5.30
CA ARG D 67 2.06 3.24 4.30
C ARG D 67 1.72 1.95 3.55
N PHE D 68 0.50 1.89 3.04
CA PHE D 68 0.04 0.67 2.41
C PHE D 68 -0.93 1.01 1.30
N THR D 69 -1.02 0.09 0.34
CA THR D 69 -1.91 0.23 -0.79
C THR D 69 -3.37 0.04 -0.38
N GLN D 70 -3.66 -0.86 0.59
CA GLN D 70 -5.05 -1.10 0.96
C GLN D 70 -5.19 -1.12 2.48
N SER D 71 -6.46 -0.94 2.89
CA SER D 71 -6.76 -0.87 4.30
C SER D 71 -6.50 -2.23 4.95
N GLY D 72 -6.91 -3.32 4.30
CA GLY D 72 -6.73 -4.64 4.88
C GLY D 72 -5.27 -4.96 5.16
N THR D 73 -4.38 -4.59 4.23
CA THR D 73 -2.95 -4.77 4.44
C THR D 73 -2.49 -4.04 5.68
N MET D 74 -3.01 -2.82 5.86
CA MET D 74 -2.66 -2.00 7.00
C MET D 74 -3.16 -2.63 8.29
N LYS D 75 -4.39 -3.11 8.29
CA LYS D 75 -4.95 -3.84 9.44
C LYS D 75 -4.10 -5.08 9.79
N MET D 76 -3.66 -5.85 8.79
CA MET D 76 -2.84 -7.02 9.07
C MET D 76 -1.48 -6.61 9.63
N HIS D 77 -0.90 -5.52 9.10
CA HIS D 77 0.29 -4.95 9.72
C HIS D 77 0.07 -4.56 11.20
N ILE D 78 -1.05 -3.89 11.51
CA ILE D 78 -1.32 -3.51 12.89
C ILE D 78 -1.50 -4.75 13.79
N LEU D 79 -2.17 -5.77 13.26
CA LEU D 79 -2.38 -7.01 13.99
C LEU D 79 -1.05 -7.67 14.36
N GLN D 80 -0.12 -7.70 13.41
CA GLN D 80 1.13 -8.42 13.60
C GLN D 80 2.15 -7.61 14.37
N LYS D 81 2.08 -6.28 14.31
CA LYS D 81 3.15 -5.45 14.84
C LYS D 81 2.79 -4.68 16.12
N HIS D 82 1.56 -4.21 16.25
CA HIS D 82 1.21 -3.30 17.34
C HIS D 82 0.08 -3.89 18.19
N THR D 83 0.00 -5.21 18.26
CA THR D 83 -1.12 -5.88 18.90
C THR D 83 -0.66 -7.09 19.69
N GLU D 84 -1.19 -7.23 20.89
CA GLU D 84 -0.88 -8.41 21.69
C GLU D 84 -2.15 -9.24 21.84
N ASN D 85 -1.94 -10.49 22.27
CA ASN D 85 -3.00 -11.49 22.38
C ASN D 85 -3.43 -11.94 20.99
N VAL D 86 -2.53 -11.94 20.00
CA VAL D 86 -2.93 -12.31 18.65
C VAL D 86 -2.93 -13.81 18.50
N ALA D 87 -4.06 -14.34 18.05
CA ALA D 87 -4.15 -15.76 17.79
C ALA D 87 -3.22 -16.12 16.62
N LYS D 88 -2.57 -17.25 16.73
CA LYS D 88 -1.65 -17.78 15.73
C LYS D 88 -2.29 -19.03 15.15
N PHE D 89 -1.76 -19.53 14.03
CA PHE D 89 -2.33 -20.71 13.41
C PHE D 89 -1.39 -21.88 13.61
N HIS D 90 -1.90 -22.92 14.25
CA HIS D 90 -1.19 -24.17 14.48
C HIS D 90 -1.63 -25.18 13.43
N CYS D 91 -0.68 -25.76 12.72
CA CYS D 91 -1.05 -26.77 11.76
C CYS D 91 -1.59 -28.00 12.50
N PRO D 92 -2.73 -28.54 12.07
CA PRO D 92 -3.27 -29.72 12.78
C PRO D 92 -2.43 -30.97 12.62
N HIS D 93 -1.66 -31.12 11.54
CA HIS D 93 -0.90 -32.35 11.30
C HIS D 93 0.44 -32.38 12.02
N CYS D 94 1.18 -31.28 11.99
CA CYS D 94 2.46 -31.21 12.68
C CYS D 94 2.41 -30.13 13.74
N ASP D 95 3.57 -29.69 14.19
CA ASP D 95 3.63 -28.70 15.26
C ASP D 95 3.49 -27.27 14.72
N THR D 96 4.16 -26.99 13.59
CA THR D 96 4.35 -25.64 13.03
C THR D 96 3.27 -24.63 13.38
N VAL D 97 3.71 -23.43 13.77
CA VAL D 97 2.84 -22.31 14.12
C VAL D 97 3.06 -21.22 13.08
N ILE D 98 1.96 -20.71 12.51
CA ILE D 98 2.07 -19.72 11.45
C ILE D 98 1.17 -18.54 11.76
N ALA D 99 1.63 -17.34 11.36
CA ALA D 99 0.94 -16.11 11.74
C ALA D 99 -0.28 -15.84 10.90
N ARG D 100 -0.27 -16.18 9.61
CA ARG D 100 -1.42 -15.84 8.77
C ARG D 100 -2.11 -17.12 8.34
N LYS D 101 -3.41 -17.02 8.12
CA LYS D 101 -4.17 -18.19 7.71
C LYS D 101 -3.77 -18.66 6.31
N SER D 102 -3.60 -17.72 5.38
CA SER D 102 -3.27 -18.14 4.02
C SER D 102 -1.85 -18.73 3.94
N ASP D 103 -0.93 -18.27 4.78
CA ASP D 103 0.37 -18.91 4.84
C ASP D 103 0.27 -20.32 5.40
N LEU D 104 -0.67 -20.55 6.32
CA LEU D 104 -0.94 -21.92 6.74
C LEU D 104 -1.50 -22.73 5.58
N GLY D 105 -2.29 -22.09 4.71
CA GLY D 105 -2.71 -22.77 3.50
C GLY D 105 -1.51 -23.25 2.69
N VAL D 106 -0.55 -22.36 2.46
CA VAL D 106 0.68 -22.72 1.76
C VAL D 106 1.36 -23.89 2.47
N HIS D 107 1.48 -23.83 3.80
CA HIS D 107 2.13 -24.91 4.54
C HIS D 107 1.42 -26.23 4.35
N LEU D 108 0.07 -26.23 4.36
CA LEU D 108 -0.67 -27.48 4.23
C LEU D 108 -0.55 -28.04 2.83
N ARG D 109 -0.61 -27.17 1.82
CA ARG D 109 -0.48 -27.67 0.47
C ARG D 109 0.93 -28.15 0.17
N LYS D 110 1.96 -27.58 0.81
CA LYS D 110 3.25 -28.06 0.37
C LYS D 110 3.81 -29.17 1.24
N GLN D 111 3.35 -29.31 2.48
CA GLN D 111 3.93 -30.34 3.35
C GLN D 111 3.00 -31.51 3.64
N HIS D 112 1.69 -31.33 3.56
CA HIS D 112 0.77 -32.41 3.96
C HIS D 112 -0.18 -32.80 2.84
N SER D 113 0.26 -32.65 1.60
CA SER D 113 -0.59 -32.92 0.46
C SER D 113 -0.17 -34.21 -0.22
N TYR D 114 -1.16 -34.93 -0.73
CA TYR D 114 -0.96 -36.20 -1.40
C TYR D 114 -0.61 -35.95 -2.87
N ILE D 115 0.30 -36.79 -3.38
CA ILE D 115 0.74 -36.70 -4.77
C ILE D 115 0.59 -38.06 -5.44
N GLU D 116 0.10 -38.03 -6.69
CA GLU D 116 -0.09 -39.22 -7.53
C GLU D 116 1.25 -39.79 -8.01
N GLN D 117 2.34 -39.44 -7.33
CA GLN D 117 3.66 -39.96 -7.66
C GLN D 117 4.56 -39.91 -6.43
N GLY D 118 4.63 -41.00 -5.68
CA GLY D 118 5.30 -40.96 -4.40
C GLY D 118 6.80 -40.88 -4.54
N LYS D 119 7.45 -40.45 -3.47
CA LYS D 119 8.89 -40.24 -3.45
C LYS D 119 9.58 -41.29 -2.59
N LYS D 120 10.76 -41.71 -3.05
CA LYS D 120 11.56 -42.67 -2.28
C LYS D 120 12.48 -41.89 -1.34
N CYS D 121 12.66 -42.42 -0.14
CA CYS D 121 13.62 -41.85 0.77
C CYS D 121 15.00 -41.86 0.13
N ARG D 122 15.79 -40.84 0.43
CA ARG D 122 17.09 -40.73 -0.23
C ARG D 122 18.03 -41.84 0.22
N TYR D 123 17.70 -42.57 1.29
CA TYR D 123 18.65 -43.54 1.82
C TYR D 123 18.00 -44.92 2.03
N CYS D 124 16.75 -45.15 1.60
CA CYS D 124 16.23 -46.53 1.58
C CYS D 124 14.87 -46.73 0.93
N ASP D 125 14.72 -47.86 0.22
CA ASP D 125 13.46 -48.46 -0.22
C ASP D 125 12.16 -47.81 0.23
N ALA D 126 12.12 -47.28 1.45
CA ALA D 126 10.89 -46.72 1.97
C ALA D 126 10.38 -45.61 1.07
N VAL D 127 9.08 -45.63 0.79
CA VAL D 127 8.45 -44.70 -0.14
C VAL D 127 7.33 -43.96 0.57
N PHE D 128 7.20 -42.66 0.27
CA PHE D 128 6.18 -41.87 0.91
C PHE D 128 5.46 -41.02 -0.12
N HIS D 129 4.19 -40.74 0.16
CA HIS D 129 3.37 -39.83 -0.65
C HIS D 129 3.13 -38.50 0.04
N GLU D 130 3.87 -38.20 1.11
CA GLU D 130 3.76 -36.94 1.83
C GLU D 130 5.15 -36.38 2.12
N ARG D 131 5.35 -35.09 1.86
CA ARG D 131 6.66 -34.49 2.08
C ARG D 131 7.04 -34.53 3.55
N TYR D 132 6.09 -34.18 4.43
CA TYR D 132 6.35 -34.17 5.86
C TYR D 132 6.73 -35.56 6.36
N ALA D 133 5.93 -36.56 5.98
CA ALA D 133 6.23 -37.92 6.38
C ALA D 133 7.60 -38.36 5.87
N LEU D 134 7.96 -37.93 4.67
CA LEU D 134 9.23 -38.35 4.09
C LEU D 134 10.42 -37.78 4.86
N ILE D 135 10.43 -36.46 5.05
CA ILE D 135 11.57 -35.80 5.67
C ILE D 135 11.65 -36.14 7.15
N GLN D 136 10.53 -36.49 7.76
CA GLN D 136 10.62 -36.96 9.14
C GLN D 136 11.45 -38.24 9.21
N HIS D 137 11.24 -39.15 8.26
CA HIS D 137 12.07 -40.36 8.20
C HIS D 137 13.52 -40.03 7.90
N GLN D 138 13.76 -39.17 6.91
CA GLN D 138 15.14 -38.81 6.57
C GLN D 138 15.90 -38.14 7.72
N LYS D 139 15.49 -38.40 8.96
CA LYS D 139 16.12 -37.82 10.13
C LYS D 139 16.15 -38.84 11.25
#